data_4OW0
#
_entry.id   4OW0
#
_cell.length_a   119.421
_cell.length_b   74.388
_cell.length_c   98.328
_cell.angle_alpha   90.000
_cell.angle_beta   104.110
_cell.angle_gamma   90.000
#
_symmetry.space_group_name_H-M   'C 1 2 1'
#
loop_
_entity.id
_entity.type
_entity.pdbx_description
1 polymer 'papain-like protease'
2 non-polymer 'ZINC ION'
3 non-polymer N-[(3-fluorophenyl)methyl]-1-[(1R)-1-naphthalen-1-ylethyl]piperidine-4-carboxamide
4 non-polymer 'DIMETHYL SULFOXIDE'
5 non-polymer GLYCEROL
6 water water
#
_entity_poly.entity_id   1
_entity_poly.type   'polypeptide(L)'
_entity_poly.pdbx_seq_one_letter_code
;MEVKTIKVFTTVDNTNLHTQLVDMSMTYGQQFGPTYLDGADVTKIKPHVNHEGKTFFVLPSDDTLRSEAFEYYHTLDESF
LGRYMSALNHTKKWKFPQVGGLTSIKWADNN(OCS)YLSSVLLALQQLEVKFNAPALQEAYYRARAGDAANFCALILAYS
NKTVGELGDVRETMTHLLQHANLESAKRVLNVVCKHCGQKTTTLTGVEAVMYMGTLSYDNLKTGVSIPCVCGRDATQYLV
QQESSFVMMSAPPAEYKLQQGTFLCANEYTGNYQCGHYTHITAKETLYRIDGAHLTKMSEYKGPVTDVFYKETSYTTTIK
;
_entity_poly.pdbx_strand_id   A,B
#
# COMPACT_ATOMS: atom_id res chain seq x y z
N LYS A 4 15.29 -44.78 -2.18
CA LYS A 4 14.92 -44.75 -0.76
C LYS A 4 13.66 -43.92 -0.49
N THR A 5 12.88 -44.38 0.49
CA THR A 5 11.59 -43.77 0.85
C THR A 5 11.69 -42.98 2.15
N ILE A 6 11.29 -41.70 2.10
CA ILE A 6 11.29 -40.86 3.31
C ILE A 6 10.03 -39.97 3.45
N LYS A 7 9.49 -39.94 4.67
CA LYS A 7 8.22 -39.27 4.98
C LYS A 7 8.42 -37.89 5.61
N VAL A 8 7.87 -36.87 4.95
CA VAL A 8 7.90 -35.51 5.46
C VAL A 8 6.56 -34.77 5.30
N PHE A 9 6.46 -33.59 5.88
CA PHE A 9 5.24 -32.79 5.85
C PHE A 9 5.43 -31.48 5.08
N THR A 10 4.40 -31.08 4.35
CA THR A 10 4.37 -29.76 3.74
C THR A 10 3.20 -28.93 4.31
N THR A 11 3.31 -27.61 4.19
CA THR A 11 2.26 -26.70 4.64
C THR A 11 2.43 -25.32 4.03
N VAL A 12 1.33 -24.57 3.97
CA VAL A 12 1.41 -23.17 3.60
C VAL A 12 0.89 -22.26 4.73
N ASP A 13 0.32 -22.86 5.77
CA ASP A 13 -0.28 -22.09 6.86
C ASP A 13 0.23 -22.47 8.25
N ASN A 14 1.20 -23.38 8.29
CA ASN A 14 1.67 -23.94 9.54
C ASN A 14 0.59 -24.59 10.41
N THR A 15 -0.61 -24.74 9.86
CA THR A 15 -1.76 -25.26 10.60
C THR A 15 -2.18 -26.65 10.07
N ASN A 16 -2.37 -26.74 8.75
CA ASN A 16 -2.60 -28.01 8.07
C ASN A 16 -1.30 -28.54 7.47
N LEU A 17 -0.89 -29.71 7.96
CA LEU A 17 0.31 -30.37 7.45
C LEU A 17 -0.11 -31.52 6.57
N HIS A 18 0.60 -31.70 5.47
CA HIS A 18 0.29 -32.74 4.52
C HIS A 18 1.46 -33.71 4.39
N THR A 19 1.18 -34.97 4.67
CA THR A 19 2.20 -35.99 4.57
C THR A 19 2.60 -36.19 3.12
N GLN A 20 3.90 -36.19 2.86
CA GLN A 20 4.39 -36.35 1.49
C GLN A 20 5.50 -37.36 1.48
N LEU A 21 5.60 -38.10 0.40
CA LEU A 21 6.67 -39.08 0.23
C LEU A 21 7.74 -38.56 -0.74
N VAL A 22 8.92 -38.19 -0.20
CA VAL A 22 9.96 -37.54 -1.00
C VAL A 22 10.97 -38.53 -1.59
N ASP A 23 11.31 -38.28 -2.85
CA ASP A 23 12.20 -39.15 -3.64
C ASP A 23 13.68 -38.94 -3.31
N MET A 24 14.21 -39.90 -2.55
CA MET A 24 15.65 -40.17 -2.45
C MET A 24 16.54 -39.22 -3.28
N SER A 25 16.41 -39.32 -4.59
CA SER A 25 17.35 -38.69 -5.53
C SER A 25 17.25 -37.18 -5.58
N MET A 26 16.17 -36.71 -6.19
CA MET A 26 16.02 -35.31 -6.56
C MET A 26 15.89 -34.41 -5.35
N THR A 27 16.18 -33.14 -5.57
CA THR A 27 16.09 -32.12 -4.53
C THR A 27 14.63 -31.85 -4.15
N TYR A 28 14.31 -30.61 -3.75
CA TYR A 28 12.97 -30.28 -3.29
C TYR A 28 12.20 -29.42 -4.30
N GLY A 29 12.93 -28.70 -5.13
CA GLY A 29 12.33 -27.77 -6.10
C GLY A 29 11.60 -28.42 -7.25
N GLN A 30 12.09 -29.56 -7.75
CA GLN A 30 11.39 -30.22 -8.86
C GLN A 30 10.37 -31.22 -8.32
N GLN A 31 10.37 -31.36 -7.00
CA GLN A 31 9.35 -32.15 -6.29
C GLN A 31 8.25 -31.27 -5.68
N PHE A 32 8.65 -30.23 -4.95
CA PHE A 32 7.72 -29.37 -4.23
C PHE A 32 7.62 -27.96 -4.79
N GLY A 33 8.49 -27.63 -5.73
CA GLY A 33 8.63 -26.25 -6.16
C GLY A 33 9.44 -25.55 -5.10
N PRO A 34 9.34 -24.21 -5.06
CA PRO A 34 10.07 -23.47 -4.04
C PRO A 34 9.67 -23.96 -2.64
N THR A 35 10.68 -24.16 -1.80
CA THR A 35 10.55 -24.86 -0.54
C THR A 35 11.52 -24.29 0.47
N TYR A 36 11.10 -24.18 1.73
CA TYR A 36 11.98 -23.75 2.81
C TYR A 36 11.94 -24.75 3.97
N LEU A 37 12.87 -24.62 4.90
CA LEU A 37 12.85 -25.41 6.13
C LEU A 37 13.48 -24.57 7.23
N ASP A 38 12.64 -23.86 7.98
CA ASP A 38 13.09 -22.83 8.91
C ASP A 38 13.86 -21.75 8.13
N GLY A 39 13.15 -21.02 7.28
CA GLY A 39 13.73 -19.93 6.51
C GLY A 39 15.09 -20.34 6.00
N ALA A 40 15.10 -21.41 5.20
CA ALA A 40 16.31 -21.97 4.62
C ALA A 40 15.98 -22.51 3.22
N ASP A 41 16.08 -21.63 2.22
CA ASP A 41 15.61 -21.94 0.87
C ASP A 41 16.26 -23.20 0.32
N VAL A 42 15.84 -24.36 0.83
CA VAL A 42 16.39 -25.63 0.37
C VAL A 42 15.72 -26.11 -0.91
N THR A 43 15.14 -25.18 -1.67
CA THR A 43 14.58 -25.51 -2.98
C THR A 43 15.57 -26.35 -3.79
N LYS A 44 16.82 -25.92 -3.82
CA LYS A 44 17.85 -26.57 -4.63
C LYS A 44 18.76 -27.52 -3.82
N ILE A 45 18.33 -27.88 -2.60
CA ILE A 45 19.11 -28.79 -1.75
C ILE A 45 18.51 -30.19 -1.66
N LYS A 46 19.34 -31.21 -1.90
CA LYS A 46 18.88 -32.59 -1.87
C LYS A 46 18.38 -33.01 -0.48
N PRO A 47 17.49 -34.01 -0.43
CA PRO A 47 16.97 -34.55 0.82
C PRO A 47 18.01 -35.36 1.59
N HIS A 48 18.04 -35.17 2.91
CA HIS A 48 18.89 -35.96 3.80
C HIS A 48 18.04 -37.09 4.36
N VAL A 49 18.32 -37.47 5.61
CA VAL A 49 17.53 -38.48 6.29
C VAL A 49 17.15 -38.08 7.71
N ASN A 50 17.78 -37.02 8.24
CA ASN A 50 17.36 -36.46 9.52
C ASN A 50 16.08 -35.66 9.29
N HIS A 51 15.82 -35.37 8.02
CA HIS A 51 14.60 -34.69 7.61
C HIS A 51 13.35 -35.47 8.01
N GLU A 52 13.37 -36.78 7.79
CA GLU A 52 12.26 -37.67 8.17
C GLU A 52 11.50 -37.15 9.39
N GLY A 53 10.23 -36.82 9.18
CA GLY A 53 9.37 -36.39 10.27
C GLY A 53 9.20 -34.89 10.36
N LYS A 54 9.95 -34.12 9.58
CA LYS A 54 9.89 -32.66 9.70
C LYS A 54 9.10 -31.91 8.62
N THR A 55 8.82 -30.64 8.90
CA THR A 55 7.82 -29.90 8.17
C THR A 55 8.43 -28.80 7.33
N PHE A 56 8.04 -28.77 6.07
CA PHE A 56 8.59 -27.83 5.10
C PHE A 56 7.49 -26.86 4.67
N PHE A 57 7.88 -25.62 4.40
CA PHE A 57 6.98 -24.63 3.85
C PHE A 57 7.07 -24.69 2.34
N VAL A 58 5.96 -24.42 1.66
CA VAL A 58 5.95 -24.48 0.21
C VAL A 58 4.93 -23.50 -0.33
N LEU A 59 4.89 -23.41 -1.65
CA LEU A 59 4.01 -22.47 -2.31
C LEU A 59 2.85 -23.24 -2.86
N PRO A 60 1.66 -22.65 -2.77
CA PRO A 60 0.43 -23.32 -3.21
C PRO A 60 0.47 -23.84 -4.65
N SER A 61 1.01 -25.05 -4.80
CA SER A 61 1.18 -25.72 -6.09
C SER A 61 -0.14 -26.25 -6.61
N ASP A 62 -1.05 -26.62 -5.72
CA ASP A 62 -2.28 -27.27 -6.13
C ASP A 62 -3.48 -26.65 -5.45
N ASP A 63 -4.68 -27.04 -5.86
CA ASP A 63 -5.92 -26.40 -5.36
C ASP A 63 -6.12 -26.46 -3.84
N THR A 64 -5.58 -27.48 -3.21
CA THR A 64 -5.75 -27.64 -1.79
C THR A 64 -4.88 -26.65 -1.02
N LEU A 65 -3.63 -26.52 -1.45
CA LEU A 65 -2.72 -25.55 -0.86
C LEU A 65 -3.15 -24.08 -1.11
N ARG A 66 -3.65 -23.78 -2.30
CA ARG A 66 -4.11 -22.44 -2.66
C ARG A 66 -5.32 -22.04 -1.82
N SER A 67 -6.21 -22.99 -1.61
CA SER A 67 -7.37 -22.75 -0.78
C SER A 67 -7.01 -22.56 0.70
N GLU A 68 -6.08 -23.36 1.19
CA GLU A 68 -5.66 -23.23 2.57
C GLU A 68 -4.89 -21.90 2.75
N ALA A 69 -4.03 -21.57 1.80
CA ALA A 69 -3.30 -20.29 1.84
C ALA A 69 -4.29 -19.15 1.88
N PHE A 70 -5.30 -19.19 1.02
CA PHE A 70 -6.26 -18.11 1.00
C PHE A 70 -7.04 -17.94 2.31
N GLU A 71 -7.39 -19.07 2.92
CA GLU A 71 -8.19 -19.07 4.13
C GLU A 71 -7.39 -18.49 5.29
N TYR A 72 -6.10 -18.74 5.29
CA TYR A 72 -5.25 -18.27 6.36
C TYR A 72 -4.84 -16.78 6.14
N TYR A 73 -4.37 -16.46 4.93
CA TYR A 73 -3.79 -15.14 4.62
C TYR A 73 -4.77 -14.14 4.02
N HIS A 74 -5.86 -14.63 3.47
CA HIS A 74 -6.85 -13.81 2.80
C HIS A 74 -6.23 -12.97 1.68
N THR A 75 -5.30 -13.58 0.95
CA THR A 75 -4.86 -13.02 -0.31
C THR A 75 -4.70 -14.08 -1.39
N LEU A 76 -4.91 -13.66 -2.64
CA LEU A 76 -4.69 -14.46 -3.83
C LEU A 76 -3.34 -14.14 -4.48
N ASP A 77 -2.52 -13.31 -3.85
CA ASP A 77 -1.28 -12.86 -4.47
C ASP A 77 -0.23 -13.96 -4.42
N GLU A 78 0.23 -14.40 -5.60
CA GLU A 78 1.18 -15.51 -5.70
C GLU A 78 2.59 -15.17 -5.26
N SER A 79 2.95 -13.88 -5.22
CA SER A 79 4.25 -13.48 -4.71
C SER A 79 4.24 -13.42 -3.18
N PHE A 80 3.04 -13.39 -2.59
CA PHE A 80 2.91 -13.06 -1.15
C PHE A 80 3.76 -13.93 -0.24
N LEU A 81 3.68 -15.26 -0.42
CA LEU A 81 4.35 -16.17 0.52
C LEU A 81 5.88 -16.05 0.42
N GLY A 82 6.41 -16.00 -0.80
CA GLY A 82 7.85 -15.75 -0.93
C GLY A 82 8.32 -14.45 -0.27
N ARG A 83 7.52 -13.40 -0.41
CA ARG A 83 7.86 -12.08 0.17
C ARG A 83 7.79 -12.12 1.72
N TYR A 84 6.78 -12.79 2.22
CA TYR A 84 6.65 -13.02 3.66
C TYR A 84 7.86 -13.75 4.19
N MET A 85 8.28 -14.79 3.48
CA MET A 85 9.44 -15.57 3.92
C MET A 85 10.72 -14.73 3.94
N SER A 86 10.99 -13.95 2.90
CA SER A 86 12.27 -13.24 2.91
C SER A 86 12.27 -12.14 3.94
N ALA A 87 11.10 -11.63 4.30
CA ALA A 87 11.05 -10.66 5.39
C ALA A 87 11.29 -11.38 6.73
N LEU A 88 10.62 -12.50 6.92
CA LEU A 88 10.79 -13.27 8.16
C LEU A 88 12.27 -13.60 8.46
N ASN A 89 13.01 -13.97 7.44
CA ASN A 89 14.45 -14.21 7.61
C ASN A 89 15.10 -13.08 8.37
N HIS A 90 14.67 -11.85 8.11
CA HIS A 90 15.28 -10.71 8.79
C HIS A 90 14.59 -10.39 10.11
N THR A 91 13.28 -10.37 10.14
CA THR A 91 12.57 -9.86 11.31
C THR A 91 12.79 -10.74 12.50
N LYS A 92 13.08 -12.02 12.25
CA LYS A 92 13.32 -12.98 13.32
C LYS A 92 14.62 -12.63 14.00
N LYS A 93 15.43 -11.77 13.39
CA LYS A 93 16.64 -11.29 14.05
C LYS A 93 16.48 -9.94 14.76
N TRP A 94 15.28 -9.37 14.72
CA TRP A 94 15.00 -8.11 15.43
C TRP A 94 14.72 -8.36 16.90
N LYS A 95 14.91 -7.33 17.71
CA LYS A 95 14.61 -7.39 19.13
C LYS A 95 13.32 -6.63 19.44
N PHE A 96 12.54 -7.18 20.38
CA PHE A 96 11.23 -6.67 20.71
C PHE A 96 11.06 -6.39 22.19
N PRO A 97 11.79 -5.39 22.68
CA PRO A 97 11.68 -5.18 24.12
C PRO A 97 10.32 -4.64 24.51
N GLN A 98 9.94 -4.84 25.76
CA GLN A 98 8.82 -4.14 26.35
C GLN A 98 9.27 -2.74 26.75
N VAL A 99 8.57 -1.73 26.24
CA VAL A 99 8.85 -0.34 26.55
C VAL A 99 7.54 0.37 26.90
N GLY A 100 7.46 0.90 28.12
CA GLY A 100 6.26 1.62 28.56
C GLY A 100 5.03 0.73 28.52
N GLY A 101 5.23 -0.55 28.82
CA GLY A 101 4.14 -1.49 28.92
C GLY A 101 3.68 -2.09 27.60
N LEU A 102 4.38 -1.77 26.52
CA LEU A 102 4.00 -2.18 25.17
C LEU A 102 5.14 -2.87 24.47
N THR A 103 4.83 -3.74 23.52
CA THR A 103 5.88 -4.30 22.68
C THR A 103 6.30 -3.28 21.63
N SER A 104 7.59 -2.95 21.64
CA SER A 104 8.18 -2.05 20.68
C SER A 104 9.23 -2.78 19.87
N ILE A 105 9.92 -2.06 19.01
CA ILE A 105 10.98 -2.70 18.22
C ILE A 105 12.25 -1.90 18.28
N LYS A 106 13.33 -2.59 18.63
CA LYS A 106 14.66 -1.97 18.60
C LYS A 106 14.99 -1.60 17.17
N TRP A 107 15.45 -0.37 17.00
CA TRP A 107 15.73 0.13 15.66
C TRP A 107 16.70 -0.77 14.91
N ALA A 108 16.32 -1.11 13.69
CA ALA A 108 17.15 -1.77 12.70
C ALA A 108 16.42 -1.63 11.36
N ASP A 109 17.19 -1.57 10.27
CA ASP A 109 16.64 -1.62 8.91
C ASP A 109 15.49 -0.63 8.65
N ASN A 110 15.61 0.58 9.22
CA ASN A 110 14.58 1.61 9.06
C ASN A 110 13.20 1.10 9.44
N ASN A 111 13.13 0.31 10.51
CA ASN A 111 11.88 -0.24 10.97
C ASN A 111 11.14 0.64 11.95
N TYR A 113 9.03 2.94 11.34
CA TYR A 113 7.62 3.09 10.96
C TYR A 113 6.86 1.88 11.45
N LEU A 114 7.46 0.69 11.38
CA LEU A 114 6.81 -0.53 11.85
C LEU A 114 6.59 -0.53 13.34
N SER A 115 7.58 -0.06 14.09
CA SER A 115 7.42 0.06 15.52
C SER A 115 6.24 0.95 15.86
N SER A 116 6.12 2.10 15.20
CA SER A 116 4.98 2.97 15.43
C SER A 116 3.64 2.27 15.11
N VAL A 117 3.60 1.50 14.03
CA VAL A 117 2.36 0.78 13.69
C VAL A 117 2.04 -0.24 14.78
N LEU A 118 3.06 -1.01 15.20
CA LEU A 118 2.91 -2.03 16.24
C LEU A 118 2.45 -1.41 17.57
N LEU A 119 3.04 -0.28 17.93
CA LEU A 119 2.68 0.38 19.19
C LEU A 119 1.24 0.91 19.18
N ALA A 120 0.86 1.55 18.10
CA ALA A 120 -0.50 2.07 17.98
C ALA A 120 -1.57 0.94 18.05
N LEU A 121 -1.35 -0.15 17.31
CA LEU A 121 -2.34 -1.23 17.22
C LEU A 121 -2.66 -1.79 18.60
N GLN A 122 -1.63 -1.89 19.45
CA GLN A 122 -1.82 -2.45 20.79
C GLN A 122 -2.72 -1.59 21.68
N GLN A 123 -2.95 -0.35 21.27
CA GLN A 123 -3.75 0.53 22.06
C GLN A 123 -5.14 0.69 21.44
N LEU A 124 -5.44 0.02 20.34
CA LEU A 124 -6.75 0.19 19.70
C LEU A 124 -7.61 -1.07 19.86
N GLU A 125 -8.92 -0.91 20.03
CA GLU A 125 -9.82 -2.05 20.10
C GLU A 125 -10.10 -2.49 18.69
N VAL A 126 -9.24 -3.35 18.18
CA VAL A 126 -9.25 -3.73 16.78
C VAL A 126 -8.79 -5.16 16.67
N LYS A 127 -9.41 -5.92 15.77
CA LYS A 127 -8.96 -7.28 15.48
C LYS A 127 -8.87 -7.51 13.96
N PHE A 128 -8.09 -8.51 13.58
CA PHE A 128 -7.94 -8.84 12.16
C PHE A 128 -8.77 -10.04 11.77
N ASN A 129 -9.39 -9.95 10.60
CA ASN A 129 -10.15 -11.05 10.02
C ASN A 129 -9.30 -12.12 9.41
N ALA A 130 -8.09 -11.77 8.92
CA ALA A 130 -7.21 -12.80 8.37
C ALA A 130 -6.55 -13.53 9.53
N PRO A 131 -6.73 -14.86 9.59
CA PRO A 131 -6.14 -15.63 10.69
C PRO A 131 -4.64 -15.48 10.84
N ALA A 132 -3.89 -15.41 9.73
CA ALA A 132 -2.44 -15.17 9.84
C ALA A 132 -2.18 -13.89 10.64
N LEU A 133 -2.95 -12.84 10.37
CA LEU A 133 -2.75 -11.56 11.11
C LEU A 133 -3.15 -11.66 12.58
N GLN A 134 -4.31 -12.25 12.87
CA GLN A 134 -4.83 -12.30 14.24
C GLN A 134 -3.90 -13.15 15.10
N GLU A 135 -3.36 -14.22 14.55
CA GLU A 135 -2.50 -15.11 15.29
C GLU A 135 -1.14 -14.50 15.54
N ALA A 136 -0.57 -13.89 14.49
CA ALA A 136 0.73 -13.25 14.60
C ALA A 136 0.64 -12.07 15.58
N TYR A 137 -0.51 -11.41 15.58
CA TYR A 137 -0.70 -10.22 16.41
C TYR A 137 -0.80 -10.56 17.90
N TYR A 138 -1.60 -11.59 18.20
CA TYR A 138 -1.63 -12.17 19.53
C TYR A 138 -0.21 -12.43 20.02
N ARG A 139 0.58 -13.10 19.20
CA ARG A 139 1.95 -13.40 19.60
C ARG A 139 2.76 -12.09 19.77
N ALA A 140 2.49 -11.10 18.91
CA ALA A 140 3.21 -9.81 18.96
C ALA A 140 2.97 -9.14 20.30
N ARG A 141 1.69 -9.10 20.71
CA ARG A 141 1.33 -8.46 21.98
C ARG A 141 2.04 -9.11 23.14
N ALA A 142 2.53 -10.32 22.93
CA ALA A 142 3.20 -11.05 23.98
C ALA A 142 4.71 -10.98 23.84
N GLY A 143 5.19 -10.25 22.84
CA GLY A 143 6.63 -10.01 22.69
C GLY A 143 7.27 -10.83 21.61
N ASP A 144 6.49 -11.71 20.97
CA ASP A 144 7.01 -12.51 19.87
C ASP A 144 6.46 -11.94 18.54
N ALA A 145 7.09 -10.86 18.05
CA ALA A 145 6.48 -10.05 16.99
C ALA A 145 7.11 -10.22 15.62
N ALA A 146 8.10 -11.09 15.52
CA ALA A 146 8.82 -11.26 14.24
C ALA A 146 7.87 -11.60 13.07
N ASN A 147 6.90 -12.46 13.33
CA ASN A 147 6.00 -12.91 12.28
C ASN A 147 5.04 -11.83 11.89
N PHE A 148 4.52 -11.12 12.88
CA PHE A 148 3.58 -10.06 12.64
C PHE A 148 4.25 -8.97 11.75
N CYS A 149 5.50 -8.65 12.04
CA CYS A 149 6.22 -7.62 11.31
C CYS A 149 6.42 -8.08 9.85
N ALA A 150 6.88 -9.32 9.67
CA ALA A 150 7.06 -9.86 8.33
C ALA A 150 5.74 -9.83 7.58
N LEU A 151 4.64 -10.17 8.24
CA LEU A 151 3.33 -10.10 7.61
C LEU A 151 2.94 -8.66 7.20
N ILE A 152 3.12 -7.68 8.10
CA ILE A 152 2.87 -6.28 7.75
C ILE A 152 3.63 -5.90 6.46
N LEU A 153 4.91 -6.26 6.41
CA LEU A 153 5.71 -5.95 5.25
C LEU A 153 5.09 -6.57 4.01
N ALA A 154 4.69 -7.84 4.13
CA ALA A 154 4.16 -8.57 2.99
C ALA A 154 2.84 -8.01 2.53
N TYR A 155 1.94 -7.66 3.46
CA TYR A 155 0.65 -7.09 3.06
C TYR A 155 0.78 -5.68 2.44
N SER A 156 1.83 -4.96 2.82
CA SER A 156 2.05 -3.54 2.46
C SER A 156 2.92 -3.45 1.21
N ASN A 157 3.39 -4.59 0.70
CA ASN A 157 4.33 -4.60 -0.40
C ASN A 157 5.59 -3.78 -0.14
N LYS A 158 6.15 -3.96 1.07
CA LYS A 158 7.40 -3.34 1.48
C LYS A 158 8.44 -4.41 1.85
N THR A 159 9.71 -4.02 1.79
CA THR A 159 10.87 -4.92 1.97
C THR A 159 11.72 -4.43 3.14
N VAL A 160 12.28 -5.37 3.90
CA VAL A 160 13.14 -5.05 5.05
C VAL A 160 14.22 -4.08 4.59
N GLY A 161 14.40 -3.00 5.34
CA GLY A 161 15.42 -2.02 5.02
C GLY A 161 14.88 -0.73 4.40
N GLU A 162 13.68 -0.76 3.85
CA GLU A 162 13.08 0.47 3.30
C GLU A 162 12.52 1.26 4.47
N LEU A 163 12.61 2.59 4.39
CA LEU A 163 11.77 3.47 5.21
C LEU A 163 10.34 3.37 4.65
N GLY A 164 9.32 3.56 5.49
CA GLY A 164 7.96 3.50 5.01
C GLY A 164 7.09 4.46 5.78
N ASP A 165 5.85 4.63 5.30
CA ASP A 165 4.92 5.59 5.84
C ASP A 165 3.89 4.88 6.70
N VAL A 166 3.69 5.37 7.91
CA VAL A 166 2.76 4.73 8.83
C VAL A 166 1.32 4.76 8.29
N ARG A 167 0.87 5.90 7.80
CA ARG A 167 -0.50 6.04 7.32
C ARG A 167 -0.73 5.03 6.16
N GLU A 168 0.17 5.03 5.17
CA GLU A 168 0.05 4.10 4.05
C GLU A 168 0.02 2.65 4.52
N THR A 169 0.91 2.29 5.43
CA THR A 169 0.91 0.94 6.00
C THR A 169 -0.44 0.56 6.63
N MET A 170 -1.06 1.47 7.37
CA MET A 170 -2.34 1.23 8.03
C MET A 170 -3.44 1.12 6.98
N THR A 171 -3.28 1.86 5.90
CA THR A 171 -4.24 1.79 4.84
C THR A 171 -4.32 0.32 4.36
N HIS A 172 -3.19 -0.37 4.33
CA HIS A 172 -3.18 -1.74 3.81
C HIS A 172 -3.66 -2.74 4.85
N LEU A 173 -3.24 -2.52 6.09
CA LEU A 173 -3.54 -3.42 7.18
C LEU A 173 -4.98 -3.37 7.58
N LEU A 174 -5.54 -2.16 7.65
CA LEU A 174 -6.91 -2.01 8.12
C LEU A 174 -7.97 -2.55 7.14
N GLN A 175 -7.57 -2.76 5.87
CA GLN A 175 -8.39 -3.52 4.94
C GLN A 175 -8.59 -4.95 5.40
N HIS A 176 -7.76 -5.43 6.33
CA HIS A 176 -7.96 -6.76 6.93
C HIS A 176 -8.47 -6.72 8.39
N ALA A 177 -8.91 -5.54 8.82
CA ALA A 177 -9.36 -5.33 10.20
C ALA A 177 -10.87 -5.49 10.32
N ASN A 178 -11.37 -5.64 11.55
CA ASN A 178 -12.82 -5.73 11.81
C ASN A 178 -13.60 -4.42 11.72
N LEU A 179 -13.73 -3.88 10.51
CA LEU A 179 -14.37 -2.59 10.27
C LEU A 179 -15.82 -2.74 9.73
N GLU A 180 -16.32 -3.98 9.72
CA GLU A 180 -17.61 -4.27 9.06
C GLU A 180 -18.78 -3.43 9.57
N SER A 181 -18.71 -2.97 10.82
CA SER A 181 -19.79 -2.15 11.35
C SER A 181 -19.44 -0.67 11.48
N ALA A 182 -18.29 -0.25 10.95
CA ALA A 182 -17.85 1.11 11.18
C ALA A 182 -18.53 2.05 10.22
N LYS A 183 -18.86 3.24 10.67
CA LYS A 183 -19.63 4.15 9.86
C LYS A 183 -19.25 5.56 10.18
N ARG A 184 -19.09 6.37 9.14
CA ARG A 184 -18.82 7.78 9.31
C ARG A 184 -19.76 8.53 8.39
N VAL A 185 -20.38 9.59 8.91
CA VAL A 185 -21.23 10.44 8.09
C VAL A 185 -20.74 11.85 8.16
N LEU A 186 -20.43 12.43 7.00
CA LEU A 186 -19.94 13.80 6.93
C LEU A 186 -20.92 14.64 6.17
N ASN A 187 -20.86 15.93 6.46
CA ASN A 187 -21.69 16.93 5.84
C ASN A 187 -20.76 17.96 5.22
N VAL A 188 -20.89 18.20 3.92
CA VAL A 188 -20.25 19.35 3.31
C VAL A 188 -21.29 20.45 3.15
N VAL A 189 -21.02 21.58 3.80
CA VAL A 189 -21.92 22.72 3.80
C VAL A 189 -21.25 23.84 3.02
N CYS A 190 -22.05 24.76 2.49
CA CYS A 190 -21.53 25.91 1.75
C CYS A 190 -22.37 27.18 2.01
N LYS A 191 -21.78 28.35 1.77
CA LYS A 191 -22.48 29.62 1.91
C LYS A 191 -23.54 29.74 0.81
N HIS A 192 -23.17 29.33 -0.40
CA HIS A 192 -24.10 29.33 -1.53
C HIS A 192 -24.25 27.88 -2.03
N CYS A 193 -23.33 27.42 -2.88
CA CYS A 193 -23.35 26.07 -3.46
C CYS A 193 -24.57 25.19 -3.11
N GLY A 194 -24.77 24.94 -1.82
CA GLY A 194 -25.83 24.05 -1.39
C GLY A 194 -25.39 23.19 -0.20
N GLN A 195 -26.20 22.17 0.10
CA GLN A 195 -25.94 21.28 1.23
C GLN A 195 -25.76 19.84 0.73
N LYS A 196 -24.90 19.07 1.40
CA LYS A 196 -24.56 17.72 0.91
C LYS A 196 -24.08 16.78 2.02
N THR A 197 -24.56 15.53 1.98
CA THR A 197 -24.17 14.53 2.97
C THR A 197 -23.52 13.30 2.31
N THR A 198 -22.49 12.77 2.97
CA THR A 198 -21.69 11.67 2.46
C THR A 198 -21.52 10.63 3.56
N THR A 199 -21.72 9.37 3.21
CA THR A 199 -21.50 8.31 4.15
C THR A 199 -20.31 7.46 3.74
N LEU A 200 -19.41 7.23 4.69
CA LEU A 200 -18.18 6.46 4.45
C LEU A 200 -18.11 5.23 5.35
N THR A 201 -17.62 4.15 4.77
CA THR A 201 -17.52 2.88 5.40
C THR A 201 -16.16 2.25 5.11
N GLY A 202 -15.87 1.13 5.76
CA GLY A 202 -14.56 0.53 5.64
C GLY A 202 -13.46 1.47 6.15
N VAL A 203 -12.32 1.43 5.47
CA VAL A 203 -11.13 2.14 5.90
C VAL A 203 -11.38 3.64 6.13
N GLU A 204 -12.06 4.30 5.19
CA GLU A 204 -12.36 5.72 5.27
C GLU A 204 -13.35 6.13 6.36
N ALA A 205 -14.00 5.14 6.97
CA ALA A 205 -14.81 5.44 8.17
C ALA A 205 -13.91 5.83 9.35
N VAL A 206 -12.68 5.29 9.40
CA VAL A 206 -11.80 5.54 10.54
C VAL A 206 -10.56 6.36 10.23
N MET A 207 -10.17 6.48 8.96
CA MET A 207 -8.96 7.18 8.55
C MET A 207 -9.36 8.43 7.81
N TYR A 208 -8.79 9.56 8.22
CA TYR A 208 -9.03 10.86 7.64
C TYR A 208 -7.66 11.52 7.42
N MET A 209 -7.47 12.12 6.26
CA MET A 209 -6.25 12.81 5.94
C MET A 209 -6.53 14.29 5.71
N GLY A 210 -5.93 15.17 6.53
CA GLY A 210 -6.04 16.59 6.31
C GLY A 210 -6.05 17.42 7.58
N THR A 211 -6.33 16.80 8.72
CA THR A 211 -6.09 17.47 10.00
C THR A 211 -5.77 16.42 11.03
N LEU A 212 -5.00 16.80 12.03
CA LEU A 212 -4.61 15.88 13.10
C LEU A 212 -5.63 15.91 14.22
N SER A 213 -6.48 16.94 14.19
CA SER A 213 -7.42 17.25 15.29
C SER A 213 -8.86 16.68 15.08
N TYR A 214 -9.30 15.77 15.97
CA TYR A 214 -10.65 15.22 15.88
C TYR A 214 -11.69 16.34 16.14
N ASP A 215 -11.40 17.23 17.09
CA ASP A 215 -12.28 18.40 17.34
C ASP A 215 -12.50 19.17 16.07
N ASN A 216 -11.42 19.45 15.35
CA ASN A 216 -11.50 20.19 14.09
C ASN A 216 -12.45 19.52 13.05
N LEU A 217 -12.47 18.20 13.00
CA LEU A 217 -13.36 17.47 12.10
C LEU A 217 -14.81 17.64 12.58
N LYS A 218 -15.00 17.67 13.90
CA LYS A 218 -16.33 17.90 14.49
C LYS A 218 -16.86 19.33 14.27
N THR A 219 -16.00 20.34 14.35
CA THR A 219 -16.45 21.72 14.23
C THR A 219 -16.41 22.25 12.81
N GLY A 220 -15.65 21.59 11.94
CA GLY A 220 -15.64 21.95 10.53
C GLY A 220 -14.25 22.15 10.01
N VAL A 221 -13.90 21.44 8.95
CA VAL A 221 -12.61 21.60 8.29
C VAL A 221 -12.82 22.19 6.89
N SER A 222 -11.95 23.12 6.54
CA SER A 222 -12.15 23.94 5.35
C SER A 222 -11.32 23.46 4.17
N ILE A 223 -11.81 23.74 2.96
CA ILE A 223 -11.24 23.18 1.71
C ILE A 223 -11.49 24.10 0.47
N PRO A 224 -10.46 24.28 -0.42
CA PRO A 224 -10.62 25.05 -1.67
C PRO A 224 -11.68 24.50 -2.67
N CYS A 225 -12.93 24.96 -2.55
CA CYS A 225 -14.11 24.29 -3.15
C CYS A 225 -14.10 24.07 -4.69
N VAL A 226 -15.06 23.25 -5.15
CA VAL A 226 -15.16 22.79 -6.54
C VAL A 226 -16.17 23.61 -7.38
N CYS A 227 -17.09 24.31 -6.70
CA CYS A 227 -18.07 25.17 -7.39
C CYS A 227 -17.84 26.68 -7.11
N GLY A 228 -16.97 26.99 -6.15
CA GLY A 228 -16.64 28.37 -5.83
C GLY A 228 -15.68 28.55 -4.66
N ARG A 229 -16.23 28.94 -3.52
CA ARG A 229 -15.43 29.48 -2.41
C ARG A 229 -15.10 28.46 -1.32
N ASP A 230 -15.84 28.51 -0.20
CA ASP A 230 -15.44 27.86 1.04
C ASP A 230 -16.40 26.77 1.53
N ALA A 231 -16.05 25.53 1.20
CA ALA A 231 -16.77 24.37 1.70
C ALA A 231 -16.21 24.00 3.08
N THR A 232 -17.10 23.62 3.98
CA THR A 232 -16.68 23.07 5.25
C THR A 232 -17.19 21.65 5.33
N GLN A 233 -16.37 20.80 5.94
CA GLN A 233 -16.71 19.40 6.11
C GLN A 233 -16.80 19.19 7.60
N TYR A 234 -17.93 18.65 8.04
CA TYR A 234 -18.09 18.40 9.47
C TYR A 234 -18.72 17.05 9.74
N LEU A 235 -18.28 16.45 10.83
CA LEU A 235 -18.73 15.13 11.25
C LEU A 235 -20.11 15.19 11.90
N VAL A 236 -21.09 14.53 11.29
CA VAL A 236 -22.43 14.46 11.88
C VAL A 236 -22.58 13.17 12.68
N GLN A 237 -21.88 12.11 12.28
CA GLN A 237 -21.97 10.86 13.00
C GLN A 237 -20.77 9.93 12.81
N GLN A 238 -20.37 9.29 13.89
CA GLN A 238 -19.23 8.39 13.87
C GLN A 238 -19.58 7.15 14.67
N GLU A 239 -19.38 5.98 14.11
CA GLU A 239 -19.53 4.73 14.85
C GLU A 239 -18.27 3.87 14.65
N SER A 240 -17.37 3.86 15.64
CA SER A 240 -16.16 3.03 15.60
C SER A 240 -15.48 3.04 16.98
N SER A 241 -14.50 2.17 17.21
CA SER A 241 -13.82 2.13 18.49
C SER A 241 -12.60 3.07 18.54
N PHE A 242 -12.22 3.63 17.39
CA PHE A 242 -11.13 4.63 17.31
C PHE A 242 -11.26 5.41 16.02
N VAL A 243 -10.55 6.53 15.94
CA VAL A 243 -10.33 7.22 14.69
C VAL A 243 -8.85 7.55 14.59
N MET A 244 -8.40 7.66 13.34
CA MET A 244 -7.02 7.99 13.02
C MET A 244 -7.02 9.26 12.18
N MET A 245 -6.42 10.31 12.71
CA MET A 245 -6.32 11.57 12.02
C MET A 245 -4.84 11.80 11.56
N SER A 246 -4.66 12.04 10.27
CA SER A 246 -3.36 12.23 9.70
C SER A 246 -3.27 13.55 8.95
N ALA A 247 -2.04 14.05 8.81
CA ALA A 247 -1.77 15.25 8.05
C ALA A 247 -0.28 15.28 7.73
N PRO A 248 0.12 15.99 6.66
CA PRO A 248 1.57 16.17 6.44
C PRO A 248 2.21 16.70 7.74
N PRO A 249 3.43 16.26 8.07
CA PRO A 249 3.93 16.63 9.41
C PRO A 249 3.86 18.13 9.64
N ALA A 250 3.41 18.53 10.83
CA ALA A 250 3.32 19.94 11.15
C ALA A 250 3.45 20.15 12.65
N GLU A 251 3.90 21.34 13.05
CA GLU A 251 4.08 21.65 14.45
C GLU A 251 2.74 21.55 15.17
N TYR A 252 2.70 20.74 16.21
CA TYR A 252 1.44 20.41 16.84
C TYR A 252 1.66 20.05 18.31
N LYS A 253 0.80 20.60 19.18
CA LYS A 253 0.90 20.38 20.61
C LYS A 253 0.01 19.23 21.06
N LEU A 254 0.59 18.24 21.73
CA LEU A 254 -0.15 17.13 22.29
C LEU A 254 -0.24 17.30 23.83
N GLN A 255 -1.47 17.31 24.34
CA GLN A 255 -1.75 17.50 25.76
C GLN A 255 -2.40 16.27 26.36
N GLN A 256 -2.06 15.98 27.61
CA GLN A 256 -2.61 14.85 28.31
C GLN A 256 -4.12 14.92 28.37
N GLY A 257 -4.74 13.74 28.33
CA GLY A 257 -6.18 13.58 28.31
C GLY A 257 -6.98 14.00 27.07
N THR A 258 -6.31 14.28 25.96
CA THR A 258 -6.98 14.78 24.76
C THR A 258 -6.87 13.80 23.53
N PHE A 259 -6.02 12.80 23.63
CA PHE A 259 -5.82 11.85 22.54
C PHE A 259 -5.36 10.55 23.14
N LEU A 260 -5.33 9.50 22.32
CA LEU A 260 -4.89 8.20 22.77
C LEU A 260 -3.40 8.02 22.54
N CYS A 261 -2.99 8.19 21.28
CA CYS A 261 -1.57 8.10 20.93
C CYS A 261 -1.29 8.80 19.60
N ALA A 262 -0.02 8.97 19.27
CA ALA A 262 0.36 9.73 18.11
C ALA A 262 1.73 9.31 17.56
N ASN A 263 2.00 9.69 16.31
CA ASN A 263 3.30 9.49 15.68
C ASN A 263 3.84 10.84 15.31
N GLU A 264 5.12 11.06 15.61
CA GLU A 264 5.76 12.22 15.01
C GLU A 264 6.80 11.81 14.00
N TYR A 265 7.01 12.68 13.02
CA TYR A 265 7.98 12.41 11.99
C TYR A 265 8.89 13.61 11.80
N THR A 266 10.18 13.40 12.03
CA THR A 266 11.18 14.44 11.89
C THR A 266 12.05 14.16 10.67
N GLY A 267 12.16 15.11 9.78
CA GLY A 267 13.03 14.96 8.62
C GLY A 267 12.28 15.47 7.41
N ASN A 268 12.62 14.99 6.23
CA ASN A 268 11.88 15.39 5.04
C ASN A 268 11.25 14.14 4.44
N TYR A 269 10.54 14.33 3.34
CA TYR A 269 9.77 13.24 2.78
C TYR A 269 10.63 12.01 2.50
N GLN A 270 11.85 12.22 2.05
CA GLN A 270 12.65 11.08 1.59
C GLN A 270 13.31 10.34 2.74
N CYS A 271 13.66 11.04 3.79
CA CYS A 271 14.46 10.45 4.87
C CYS A 271 14.13 11.15 6.19
N GLY A 272 13.78 10.38 7.19
CA GLY A 272 13.35 10.95 8.45
C GLY A 272 13.15 9.83 9.43
N HIS A 273 12.60 10.19 10.57
CA HIS A 273 12.56 9.26 11.66
C HIS A 273 11.25 9.44 12.41
N TYR A 274 10.53 8.34 12.59
CA TYR A 274 9.33 8.34 13.40
C TYR A 274 9.63 8.04 14.87
N THR A 275 8.91 8.71 15.77
CA THR A 275 8.75 8.17 17.12
C THR A 275 7.26 8.11 17.49
N HIS A 276 6.96 7.33 18.50
CA HIS A 276 5.59 7.13 18.98
C HIS A 276 5.42 7.81 20.33
N ILE A 277 4.30 8.52 20.49
CA ILE A 277 3.89 9.15 21.74
C ILE A 277 2.55 8.55 22.22
N THR A 278 2.53 8.03 23.45
CA THR A 278 1.29 7.53 24.03
C THR A 278 1.05 8.24 25.37
N ALA A 279 -0.21 8.48 25.66
CA ALA A 279 -0.60 9.23 26.82
C ALA A 279 -1.04 8.25 27.93
N LYS A 280 -0.18 8.09 28.94
CA LYS A 280 -0.46 7.26 30.12
C LYS A 280 -0.62 8.19 31.33
N GLU A 281 0.07 7.93 32.45
CA GLU A 281 0.01 8.86 33.59
C GLU A 281 0.71 10.20 33.25
N THR A 282 1.67 10.13 32.34
CA THR A 282 2.18 11.32 31.67
C THR A 282 2.42 10.88 30.21
N LEU A 283 2.93 11.78 29.37
CA LEU A 283 3.28 11.39 27.97
C LEU A 283 4.55 10.55 27.90
N TYR A 284 4.46 9.42 27.22
CA TYR A 284 5.62 8.60 26.89
C TYR A 284 6.02 8.78 25.42
N ARG A 285 7.29 9.05 25.17
CA ARG A 285 7.80 9.03 23.79
C ARG A 285 8.68 7.80 23.60
N ILE A 286 8.19 6.87 22.78
CA ILE A 286 8.80 5.57 22.61
C ILE A 286 9.50 5.57 21.29
N ASP A 287 10.82 5.50 21.37
CA ASP A 287 11.67 5.60 20.19
C ASP A 287 12.42 4.28 20.07
N GLY A 288 11.78 3.29 19.44
CA GLY A 288 12.34 1.96 19.36
C GLY A 288 12.51 1.40 20.76
N ALA A 289 13.74 1.08 21.13
CA ALA A 289 13.99 0.56 22.48
C ALA A 289 14.03 1.66 23.56
N HIS A 290 14.04 2.93 23.17
CA HIS A 290 14.25 4.02 24.13
C HIS A 290 12.97 4.71 24.58
N LEU A 291 12.96 5.14 25.83
CA LEU A 291 11.81 5.84 26.38
C LEU A 291 12.27 7.16 26.98
N THR A 292 11.54 8.22 26.67
CA THR A 292 11.62 9.45 27.45
C THR A 292 10.19 9.79 27.83
N LYS A 293 10.02 10.65 28.83
CA LYS A 293 8.72 11.07 29.37
C LYS A 293 8.59 12.60 29.41
N MET A 294 7.38 13.13 29.27
CA MET A 294 7.15 14.56 29.31
C MET A 294 5.68 14.87 29.59
N SER A 295 5.43 16.03 30.20
CA SER A 295 4.08 16.45 30.54
C SER A 295 3.34 17.05 29.37
N GLU A 296 4.09 17.50 28.36
CA GLU A 296 3.50 18.10 27.17
C GLU A 296 4.48 17.96 26.01
N TYR A 297 3.95 17.80 24.79
CA TYR A 297 4.78 17.67 23.59
C TYR A 297 4.32 18.67 22.51
N LYS A 298 5.28 19.31 21.87
CA LYS A 298 5.03 20.10 20.69
C LYS A 298 6.10 19.82 19.67
N GLY A 299 5.71 19.20 18.56
CA GLY A 299 6.64 18.86 17.52
C GLY A 299 5.92 18.46 16.25
N PRO A 300 6.65 17.84 15.32
CA PRO A 300 6.08 17.57 14.00
C PRO A 300 5.28 16.25 13.97
N VAL A 301 4.04 16.36 14.40
CA VAL A 301 3.13 15.25 14.48
C VAL A 301 2.48 15.03 13.13
N THR A 302 2.23 13.77 12.81
CA THR A 302 1.69 13.41 11.51
C THR A 302 0.47 12.44 11.58
N ASP A 303 0.39 11.59 12.60
CA ASP A 303 -0.85 10.86 12.89
C ASP A 303 -1.28 11.02 14.36
N VAL A 304 -2.58 11.13 14.63
CA VAL A 304 -3.10 11.09 15.98
C VAL A 304 -4.30 10.14 16.07
N PHE A 305 -4.26 9.26 17.07
CA PHE A 305 -5.32 8.31 17.32
C PHE A 305 -6.18 8.78 18.51
N TYR A 306 -7.49 8.65 18.36
CA TYR A 306 -8.43 8.98 19.45
C TYR A 306 -9.38 7.81 19.68
N LYS A 307 -9.82 7.65 20.92
CA LYS A 307 -10.75 6.57 21.28
C LYS A 307 -12.15 6.98 20.83
N GLU A 308 -13.00 6.03 20.49
CA GLU A 308 -14.37 6.39 20.16
C GLU A 308 -15.32 5.23 20.49
N THR A 309 -16.60 5.55 20.60
CA THR A 309 -17.62 4.51 20.73
C THR A 309 -18.71 4.86 19.74
N SER A 310 -19.46 5.91 20.06
CA SER A 310 -20.48 6.46 19.20
C SER A 310 -20.45 7.95 19.35
N TYR A 311 -20.51 8.69 18.26
CA TYR A 311 -20.66 10.13 18.34
C TYR A 311 -21.73 10.56 17.37
N THR A 312 -22.58 11.49 17.82
CA THR A 312 -23.51 12.13 16.93
C THR A 312 -23.54 13.62 17.25
N THR A 313 -23.68 14.42 16.20
CA THR A 313 -23.42 15.87 16.23
C THR A 313 -24.52 16.68 16.91
N THR A 314 -24.15 17.92 17.31
CA THR A 314 -25.07 18.91 17.88
C THR A 314 -25.46 20.02 16.88
N ILE A 315 -24.92 19.94 15.66
CA ILE A 315 -25.15 20.96 14.64
C ILE A 315 -26.30 20.56 13.69
N PHE B 57 -28.13 -4.49 -9.94
CA PHE B 57 -27.32 -5.23 -8.98
C PHE B 57 -28.18 -5.69 -7.81
N VAL B 58 -27.49 -6.18 -6.77
CA VAL B 58 -28.08 -6.43 -5.45
C VAL B 58 -26.90 -6.77 -4.53
N LEU B 59 -27.10 -6.69 -3.21
CA LEU B 59 -26.04 -7.03 -2.28
C LEU B 59 -26.04 -8.54 -1.98
N PRO B 60 -24.90 -9.08 -1.51
CA PRO B 60 -24.80 -10.44 -0.97
C PRO B 60 -25.61 -10.72 0.32
N SER B 61 -26.08 -11.96 0.44
CA SER B 61 -26.98 -12.39 1.52
C SER B 61 -26.72 -13.86 1.87
N ASP B 62 -27.12 -14.78 0.98
CA ASP B 62 -26.78 -16.20 1.16
C ASP B 62 -25.33 -16.45 0.71
N ASP B 63 -24.89 -17.70 0.75
CA ASP B 63 -23.48 -17.98 0.54
C ASP B 63 -23.13 -18.21 -0.93
N THR B 64 -24.14 -18.39 -1.76
CA THR B 64 -23.95 -18.43 -3.19
C THR B 64 -23.56 -17.02 -3.66
N LEU B 65 -24.19 -16.00 -3.08
CA LEU B 65 -23.96 -14.64 -3.51
C LEU B 65 -22.59 -14.12 -3.06
N ARG B 66 -22.16 -14.50 -1.87
CA ARG B 66 -20.84 -14.09 -1.39
C ARG B 66 -19.76 -14.74 -2.23
N SER B 67 -20.00 -16.00 -2.59
CA SER B 67 -19.06 -16.71 -3.44
C SER B 67 -18.97 -16.07 -4.82
N GLU B 68 -20.11 -15.62 -5.32
CA GLU B 68 -20.15 -15.06 -6.65
C GLU B 68 -19.46 -13.69 -6.68
N ALA B 69 -19.76 -12.88 -5.66
CA ALA B 69 -19.15 -11.59 -5.44
C ALA B 69 -17.63 -11.75 -5.31
N PHE B 70 -17.16 -12.69 -4.51
CA PHE B 70 -15.73 -12.90 -4.38
C PHE B 70 -15.02 -13.29 -5.70
N GLU B 71 -15.56 -14.27 -6.43
CA GLU B 71 -14.93 -14.70 -7.68
C GLU B 71 -14.86 -13.57 -8.72
N TYR B 72 -15.79 -12.64 -8.65
CA TYR B 72 -15.85 -11.54 -9.59
C TYR B 72 -14.99 -10.31 -9.11
N TYR B 73 -15.06 -9.96 -7.82
CA TYR B 73 -14.40 -8.76 -7.31
C TYR B 73 -13.07 -9.04 -6.61
N HIS B 74 -12.87 -10.29 -6.23
CA HIS B 74 -11.64 -10.71 -5.53
C HIS B 74 -11.39 -9.93 -4.26
N THR B 75 -12.45 -9.58 -3.54
CA THR B 75 -12.37 -8.98 -2.21
C THR B 75 -13.41 -9.58 -1.26
N LEU B 76 -13.02 -9.73 0.01
CA LEU B 76 -13.91 -10.16 1.10
C LEU B 76 -14.49 -8.98 1.87
N ASP B 77 -14.12 -7.75 1.48
CA ASP B 77 -14.52 -6.54 2.19
C ASP B 77 -16.01 -6.30 2.04
N GLU B 78 -16.74 -6.31 3.15
CA GLU B 78 -18.19 -6.20 3.08
C GLU B 78 -18.67 -4.79 2.77
N SER B 79 -17.83 -3.79 2.94
CA SER B 79 -18.19 -2.43 2.55
C SER B 79 -18.00 -2.18 1.04
N PHE B 80 -17.29 -3.08 0.36
CA PHE B 80 -16.83 -2.79 -1.00
C PHE B 80 -17.94 -2.43 -1.97
N LEU B 81 -18.99 -3.25 -1.99
CA LEU B 81 -20.03 -3.09 -3.01
C LEU B 81 -20.81 -1.82 -2.83
N GLY B 82 -21.13 -1.48 -1.58
CA GLY B 82 -21.76 -0.20 -1.32
C GLY B 82 -20.89 1.00 -1.74
N ARG B 83 -19.58 0.87 -1.53
CA ARG B 83 -18.66 1.95 -1.92
C ARG B 83 -18.58 2.07 -3.45
N TYR B 84 -18.42 0.93 -4.12
CA TYR B 84 -18.52 0.89 -5.59
C TYR B 84 -19.78 1.57 -6.15
N MET B 85 -20.95 1.19 -5.62
CA MET B 85 -22.22 1.77 -6.09
C MET B 85 -22.31 3.25 -5.85
N SER B 86 -21.97 3.71 -4.65
CA SER B 86 -22.09 5.15 -4.39
C SER B 86 -21.17 5.94 -5.33
N ALA B 87 -19.99 5.38 -5.62
CA ALA B 87 -19.08 6.03 -6.55
C ALA B 87 -19.66 6.01 -7.97
N LEU B 88 -20.23 4.87 -8.36
CA LEU B 88 -20.74 4.74 -9.73
C LEU B 88 -21.91 5.72 -9.97
N ASN B 89 -22.63 6.04 -8.92
CA ASN B 89 -23.70 7.01 -9.03
C ASN B 89 -23.22 8.38 -9.50
N HIS B 90 -21.96 8.71 -9.22
CA HIS B 90 -21.37 9.95 -9.72
C HIS B 90 -20.58 9.76 -11.03
N THR B 91 -19.82 8.67 -11.15
CA THR B 91 -18.93 8.52 -12.31
C THR B 91 -19.70 8.27 -13.62
N LYS B 92 -20.92 7.74 -13.52
CA LYS B 92 -21.76 7.62 -14.72
C LYS B 92 -22.14 8.99 -15.30
N LYS B 93 -21.94 10.05 -14.52
CA LYS B 93 -22.24 11.40 -14.98
C LYS B 93 -20.99 12.15 -15.50
N TRP B 94 -19.82 11.51 -15.40
CA TRP B 94 -18.60 12.11 -15.92
C TRP B 94 -18.54 11.96 -17.44
N LYS B 95 -17.80 12.84 -18.09
CA LYS B 95 -17.53 12.75 -19.53
C LYS B 95 -16.15 12.10 -19.77
N PHE B 96 -16.11 11.23 -20.76
CA PHE B 96 -14.89 10.55 -21.12
C PHE B 96 -14.53 10.81 -22.58
N PRO B 97 -14.02 12.00 -22.88
CA PRO B 97 -13.64 12.28 -24.27
C PRO B 97 -12.40 11.51 -24.73
N GLN B 98 -12.31 11.23 -26.02
CA GLN B 98 -11.10 10.70 -26.57
C GLN B 98 -10.14 11.86 -26.82
N VAL B 99 -8.93 11.76 -26.27
CA VAL B 99 -7.90 12.78 -26.44
C VAL B 99 -6.59 12.03 -26.77
N GLY B 100 -5.95 12.41 -27.86
CA GLY B 100 -4.74 11.75 -28.33
C GLY B 100 -4.91 10.27 -28.53
N GLY B 101 -6.11 9.85 -28.85
CA GLY B 101 -6.35 8.45 -29.18
C GLY B 101 -6.62 7.60 -27.94
N LEU B 102 -6.77 8.25 -26.79
CA LEU B 102 -6.99 7.56 -25.52
C LEU B 102 -8.24 8.10 -24.83
N THR B 103 -8.84 7.27 -23.99
CA THR B 103 -9.96 7.69 -23.17
C THR B 103 -9.47 8.51 -22.01
N SER B 104 -9.90 9.75 -21.96
CA SER B 104 -9.59 10.63 -20.87
C SER B 104 -10.85 10.89 -20.03
N ILE B 105 -10.71 11.76 -19.04
CA ILE B 105 -11.85 12.19 -18.24
C ILE B 105 -11.87 13.71 -18.14
N LYS B 106 -13.00 14.29 -18.51
CA LYS B 106 -13.23 15.73 -18.36
C LYS B 106 -13.16 16.04 -16.87
N TRP B 107 -12.45 17.10 -16.50
CA TRP B 107 -12.27 17.40 -15.10
C TRP B 107 -13.62 17.55 -14.38
N ALA B 108 -13.72 16.89 -13.24
CA ALA B 108 -14.83 17.05 -12.30
C ALA B 108 -14.38 16.38 -10.99
N ASP B 109 -14.73 16.92 -9.83
CA ASP B 109 -14.61 16.19 -8.58
C ASP B 109 -13.15 15.79 -8.25
N ASN B 110 -12.20 16.66 -8.58
CA ASN B 110 -10.78 16.36 -8.39
C ASN B 110 -10.39 15.00 -8.98
N ASN B 111 -10.95 14.66 -10.14
CA ASN B 111 -10.67 13.38 -10.79
C ASN B 111 -9.45 13.38 -11.68
N TYR B 113 -6.38 12.88 -10.91
CA TYR B 113 -5.52 11.73 -10.67
C TYR B 113 -6.08 10.44 -11.29
N LEU B 114 -7.41 10.29 -11.28
CA LEU B 114 -8.00 9.11 -11.92
C LEU B 114 -7.79 9.12 -13.41
N SER B 115 -7.86 10.31 -13.97
CA SER B 115 -7.62 10.47 -15.38
C SER B 115 -6.19 10.03 -15.73
N SER B 116 -5.20 10.42 -14.93
CA SER B 116 -3.82 9.96 -15.17
C SER B 116 -3.68 8.47 -15.06
N VAL B 117 -4.36 7.87 -14.09
CA VAL B 117 -4.29 6.45 -13.85
C VAL B 117 -4.88 5.75 -15.06
N LEU B 118 -6.09 6.19 -15.47
CA LEU B 118 -6.77 5.60 -16.63
C LEU B 118 -5.93 5.74 -17.91
N LEU B 119 -5.32 6.91 -18.13
CA LEU B 119 -4.51 7.13 -19.34
C LEU B 119 -3.27 6.24 -19.32
N ALA B 120 -2.59 6.19 -18.18
CA ALA B 120 -1.42 5.32 -18.05
C ALA B 120 -1.77 3.87 -18.33
N LEU B 121 -2.80 3.36 -17.68
CA LEU B 121 -3.18 1.96 -17.83
C LEU B 121 -3.41 1.56 -19.25
N GLN B 122 -3.96 2.44 -20.09
CA GLN B 122 -4.24 2.10 -21.49
C GLN B 122 -2.99 1.89 -22.31
N GLN B 123 -1.83 2.27 -21.77
CA GLN B 123 -0.60 2.20 -22.54
C GLN B 123 0.33 1.07 -22.05
N LEU B 124 -0.08 0.37 -21.01
CA LEU B 124 0.75 -0.65 -20.41
C LEU B 124 0.16 -1.98 -20.83
N GLU B 125 1.03 -2.98 -21.02
CA GLU B 125 0.61 -4.36 -21.26
C GLU B 125 0.41 -5.06 -19.94
N VAL B 126 -0.79 -4.93 -19.40
CA VAL B 126 -1.10 -5.42 -18.08
C VAL B 126 -2.50 -5.96 -18.17
N LYS B 127 -2.80 -6.99 -17.40
CA LYS B 127 -4.16 -7.49 -17.31
C LYS B 127 -4.51 -7.64 -15.82
N PHE B 128 -5.79 -7.45 -15.50
CA PHE B 128 -6.29 -7.65 -14.15
C PHE B 128 -6.82 -9.08 -13.97
N ASN B 129 -6.45 -9.71 -12.85
CA ASN B 129 -6.90 -11.02 -12.46
C ASN B 129 -8.31 -11.06 -11.88
N ALA B 130 -8.78 -9.94 -11.34
CA ALA B 130 -10.17 -9.81 -10.91
C ALA B 130 -11.09 -9.58 -12.12
N PRO B 131 -12.03 -10.50 -12.38
CA PRO B 131 -12.90 -10.29 -13.55
C PRO B 131 -13.59 -8.92 -13.60
N ALA B 132 -14.08 -8.40 -12.47
CA ALA B 132 -14.71 -7.08 -12.46
C ALA B 132 -13.78 -6.02 -13.08
N LEU B 133 -12.50 -6.08 -12.74
CA LEU B 133 -11.60 -5.04 -13.22
C LEU B 133 -11.29 -5.27 -14.71
N GLN B 134 -11.07 -6.53 -15.08
CA GLN B 134 -10.69 -6.84 -16.46
C GLN B 134 -11.78 -6.38 -17.40
N GLU B 135 -13.02 -6.65 -17.03
CA GLU B 135 -14.15 -6.33 -17.90
C GLU B 135 -14.39 -4.83 -17.99
N ALA B 136 -14.30 -4.15 -16.85
CA ALA B 136 -14.49 -2.70 -16.86
C ALA B 136 -13.36 -2.00 -17.63
N TYR B 137 -12.16 -2.58 -17.55
CA TYR B 137 -10.98 -1.99 -18.17
C TYR B 137 -11.14 -2.06 -19.67
N TYR B 138 -11.62 -3.22 -20.12
CA TYR B 138 -11.92 -3.43 -21.52
C TYR B 138 -12.97 -2.43 -21.97
N ARG B 139 -13.99 -2.22 -21.15
CA ARG B 139 -15.02 -1.25 -21.50
C ARG B 139 -14.48 0.20 -21.51
N ALA B 140 -13.47 0.43 -20.67
CA ALA B 140 -12.93 1.78 -20.52
C ALA B 140 -12.13 2.10 -21.76
N ARG B 141 -11.34 1.13 -22.21
CA ARG B 141 -10.48 1.32 -23.38
C ARG B 141 -11.33 1.60 -24.59
N ALA B 142 -12.59 1.18 -24.54
CA ALA B 142 -13.54 1.43 -25.62
C ALA B 142 -14.24 2.76 -25.53
N GLY B 143 -13.98 3.52 -24.47
CA GLY B 143 -14.59 4.82 -24.29
C GLY B 143 -15.62 4.90 -23.19
N ASP B 144 -15.96 3.76 -22.59
CA ASP B 144 -17.03 3.71 -21.60
C ASP B 144 -16.45 3.36 -20.23
N ALA B 145 -15.98 4.36 -19.51
CA ALA B 145 -15.06 4.12 -18.40
C ALA B 145 -15.66 4.39 -17.01
N ALA B 146 -16.94 4.74 -16.95
CA ALA B 146 -17.59 4.99 -15.65
C ALA B 146 -17.43 3.86 -14.62
N ASN B 147 -17.54 2.60 -15.05
CA ASN B 147 -17.46 1.48 -14.09
C ASN B 147 -16.06 1.29 -13.59
N PHE B 148 -15.13 1.34 -14.51
CA PHE B 148 -13.73 1.19 -14.18
C PHE B 148 -13.28 2.28 -13.19
N CYS B 149 -13.77 3.49 -13.39
CA CYS B 149 -13.46 4.58 -12.48
C CYS B 149 -14.07 4.34 -11.11
N ALA B 150 -15.34 3.94 -11.08
CA ALA B 150 -15.96 3.63 -9.79
C ALA B 150 -15.26 2.47 -9.09
N LEU B 151 -14.81 1.44 -9.83
CA LEU B 151 -14.08 0.35 -9.19
C LEU B 151 -12.69 0.76 -8.64
N ILE B 152 -11.92 1.55 -9.40
CA ILE B 152 -10.64 2.08 -8.93
C ILE B 152 -10.80 2.77 -7.59
N LEU B 153 -11.81 3.62 -7.50
CA LEU B 153 -12.12 4.28 -6.24
C LEU B 153 -12.38 3.27 -5.15
N ALA B 154 -13.23 2.27 -5.46
CA ALA B 154 -13.57 1.26 -4.46
C ALA B 154 -12.37 0.44 -4.05
N TYR B 155 -11.51 0.02 -4.99
CA TYR B 155 -10.33 -0.78 -4.60
C TYR B 155 -9.28 0.05 -3.83
N SER B 156 -9.28 1.35 -4.04
CA SER B 156 -8.24 2.18 -3.42
C SER B 156 -8.78 2.88 -2.15
N ASN B 157 -10.01 2.54 -1.78
CA ASN B 157 -10.70 3.15 -0.65
C ASN B 157 -10.74 4.66 -0.68
N LYS B 158 -11.14 5.18 -1.82
CA LYS B 158 -11.26 6.60 -2.05
C LYS B 158 -12.70 6.89 -2.46
N THR B 159 -13.10 8.14 -2.21
CA THR B 159 -14.44 8.62 -2.48
C THR B 159 -14.41 9.73 -3.54
N VAL B 160 -15.44 9.76 -4.38
CA VAL B 160 -15.60 10.84 -5.37
C VAL B 160 -15.50 12.21 -4.70
N GLY B 161 -14.78 13.13 -5.35
CA GLY B 161 -14.54 14.44 -4.78
C GLY B 161 -13.20 14.66 -4.10
N GLU B 162 -12.59 13.60 -3.54
CA GLU B 162 -11.25 13.74 -2.97
C GLU B 162 -10.19 13.84 -4.03
N LEU B 163 -9.21 14.70 -3.82
CA LEU B 163 -7.95 14.62 -4.58
C LEU B 163 -7.31 13.31 -4.12
N GLY B 164 -6.48 12.72 -4.97
CA GLY B 164 -5.78 11.49 -4.63
C GLY B 164 -4.44 11.43 -5.34
N ASP B 165 -3.67 10.41 -4.98
CA ASP B 165 -2.29 10.24 -5.41
C ASP B 165 -2.19 9.10 -6.46
N VAL B 166 -1.66 9.37 -7.64
CA VAL B 166 -1.50 8.34 -8.67
C VAL B 166 -0.69 7.13 -8.20
N ARG B 167 0.49 7.37 -7.61
CA ARG B 167 1.32 6.28 -7.16
C ARG B 167 0.58 5.40 -6.15
N GLU B 168 0.02 6.01 -5.13
CA GLU B 168 -0.70 5.26 -4.11
C GLU B 168 -1.85 4.47 -4.73
N THR B 169 -2.57 5.07 -5.66
CA THR B 169 -3.70 4.40 -6.29
C THR B 169 -3.18 3.16 -7.04
N MET B 170 -2.05 3.31 -7.73
CA MET B 170 -1.45 2.19 -8.44
C MET B 170 -1.01 1.08 -7.52
N THR B 171 -0.54 1.40 -6.31
CA THR B 171 -0.17 0.35 -5.38
C THR B 171 -1.39 -0.54 -5.09
N HIS B 172 -2.58 0.03 -5.05
CA HIS B 172 -3.81 -0.76 -4.79
C HIS B 172 -4.23 -1.53 -6.03
N LEU B 173 -4.24 -0.89 -7.19
CA LEU B 173 -4.68 -1.57 -8.38
C LEU B 173 -3.80 -2.67 -8.82
N LEU B 174 -2.50 -2.42 -8.78
CA LEU B 174 -1.54 -3.42 -9.22
C LEU B 174 -1.47 -4.66 -8.34
N GLN B 175 -2.02 -4.58 -7.13
CA GLN B 175 -2.19 -5.78 -6.29
C GLN B 175 -3.12 -6.79 -6.99
N HIS B 176 -3.95 -6.33 -7.93
CA HIS B 176 -4.89 -7.16 -8.69
C HIS B 176 -4.49 -7.39 -10.16
N ALA B 177 -3.27 -7.01 -10.51
CA ALA B 177 -2.76 -7.14 -11.87
C ALA B 177 -1.98 -8.44 -12.02
N ASN B 178 -1.71 -8.82 -13.27
CA ASN B 178 -1.02 -10.08 -13.61
C ASN B 178 0.49 -9.96 -13.48
N LEU B 179 0.95 -9.96 -12.25
CA LEU B 179 2.36 -9.72 -11.93
C LEU B 179 3.10 -10.96 -11.43
N GLU B 180 2.52 -12.15 -11.64
CA GLU B 180 3.10 -13.40 -11.07
C GLU B 180 4.41 -13.82 -11.74
N SER B 181 4.65 -13.38 -12.97
CA SER B 181 5.96 -13.65 -13.58
C SER B 181 6.96 -12.50 -13.43
N ALA B 182 6.55 -11.41 -12.78
CA ALA B 182 7.41 -10.23 -12.74
C ALA B 182 8.48 -10.44 -11.72
N LYS B 183 9.67 -9.96 -12.02
CA LYS B 183 10.79 -10.12 -11.09
C LYS B 183 11.80 -9.00 -11.27
N ARG B 184 12.32 -8.50 -10.16
CA ARG B 184 13.35 -7.50 -10.19
C ARG B 184 14.54 -7.96 -9.33
N VAL B 185 15.76 -7.78 -9.85
CA VAL B 185 16.96 -8.12 -9.06
C VAL B 185 17.88 -6.93 -8.94
N LEU B 186 18.15 -6.50 -7.71
CA LEU B 186 19.03 -5.37 -7.45
C LEU B 186 20.25 -5.82 -6.68
N ASN B 187 21.37 -5.15 -6.95
CA ASN B 187 22.57 -5.38 -6.20
C ASN B 187 22.90 -4.12 -5.41
N VAL B 188 23.35 -4.32 -4.18
CA VAL B 188 23.73 -3.19 -3.32
C VAL B 188 25.21 -3.32 -2.99
N VAL B 189 25.98 -2.27 -3.27
CA VAL B 189 27.41 -2.26 -2.96
C VAL B 189 27.77 -1.16 -1.95
N CYS B 190 28.66 -1.47 -1.02
CA CYS B 190 29.28 -0.45 -0.17
C CYS B 190 30.49 -1.00 0.59
N LYS B 191 31.51 -0.16 0.72
CA LYS B 191 32.83 -0.55 1.23
C LYS B 191 32.84 -1.72 2.21
N HIS B 192 32.47 -1.45 3.47
CA HIS B 192 32.60 -2.46 4.52
C HIS B 192 31.41 -3.44 4.68
N CYS B 193 30.24 -3.12 4.10
CA CYS B 193 29.13 -4.09 4.13
C CYS B 193 29.14 -4.98 2.87
N GLY B 194 30.24 -4.95 2.13
CA GLY B 194 30.46 -5.87 1.03
C GLY B 194 29.48 -5.72 -0.11
N GLN B 195 28.67 -6.76 -0.37
CA GLN B 195 27.84 -6.81 -1.56
C GLN B 195 26.69 -7.81 -1.48
N LYS B 196 25.45 -7.31 -1.51
CA LYS B 196 24.27 -8.18 -1.43
C LYS B 196 23.25 -7.95 -2.55
N THR B 197 22.52 -9.00 -2.85
CA THR B 197 21.49 -9.03 -3.87
C THR B 197 20.11 -9.07 -3.23
N THR B 198 19.18 -8.30 -3.76
CA THR B 198 17.80 -8.35 -3.32
C THR B 198 16.89 -8.64 -4.50
N THR B 199 16.03 -9.62 -4.35
CA THR B 199 15.08 -9.95 -5.39
C THR B 199 13.68 -9.48 -4.96
N LEU B 200 12.97 -8.83 -5.89
CA LEU B 200 11.64 -8.26 -5.63
C LEU B 200 10.61 -8.81 -6.55
N THR B 201 9.46 -9.10 -5.98
CA THR B 201 8.34 -9.65 -6.72
C THR B 201 7.04 -8.93 -6.42
N GLY B 202 5.99 -9.25 -7.16
CA GLY B 202 4.74 -8.54 -6.98
C GLY B 202 4.90 -7.06 -7.33
N VAL B 203 4.14 -6.21 -6.65
CA VAL B 203 4.08 -4.79 -6.99
C VAL B 203 5.48 -4.15 -7.03
N GLU B 204 6.33 -4.50 -6.06
CA GLU B 204 7.64 -3.91 -5.97
C GLU B 204 8.60 -4.37 -7.07
N ALA B 205 8.22 -5.39 -7.86
CA ALA B 205 9.05 -5.74 -9.02
C ALA B 205 8.91 -4.65 -10.07
N VAL B 206 7.81 -3.92 -10.03
CA VAL B 206 7.58 -2.88 -11.05
C VAL B 206 7.50 -1.42 -10.56
N MET B 207 7.29 -1.20 -9.27
CA MET B 207 7.16 0.15 -8.73
C MET B 207 8.39 0.46 -7.91
N TYR B 208 9.00 1.62 -8.19
CA TYR B 208 10.17 2.12 -7.43
C TYR B 208 9.93 3.56 -7.06
N MET B 209 10.24 3.87 -5.80
CA MET B 209 10.10 5.22 -5.28
C MET B 209 11.47 5.76 -4.91
N GLY B 210 11.88 6.85 -5.55
CA GLY B 210 13.12 7.55 -5.18
C GLY B 210 13.87 8.16 -6.37
N THR B 211 13.60 7.69 -7.58
CA THR B 211 14.05 8.40 -8.76
C THR B 211 13.07 8.22 -9.91
N LEU B 212 13.03 9.22 -10.77
CA LEU B 212 12.20 9.21 -11.96
C LEU B 212 12.89 8.46 -13.12
N SER B 213 14.21 8.28 -12.99
CA SER B 213 15.06 7.84 -14.10
C SER B 213 15.31 6.32 -14.11
N TYR B 214 14.86 5.64 -15.16
CA TYR B 214 15.18 4.22 -15.34
C TYR B 214 16.69 4.06 -15.55
N ASP B 215 17.30 4.97 -16.32
CA ASP B 215 18.77 4.94 -16.53
C ASP B 215 19.52 4.90 -15.21
N ASN B 216 19.11 5.77 -14.29
CA ASN B 216 19.85 5.91 -13.06
C ASN B 216 19.77 4.60 -12.27
N LEU B 217 18.62 3.94 -12.32
CA LEU B 217 18.47 2.66 -11.64
C LEU B 217 19.42 1.61 -12.25
N LYS B 218 19.68 1.71 -13.56
CA LYS B 218 20.59 0.77 -14.23
C LYS B 218 22.07 1.04 -13.96
N THR B 219 22.44 2.31 -13.85
CA THR B 219 23.84 2.62 -13.67
C THR B 219 24.20 2.75 -12.19
N GLY B 220 23.22 3.05 -11.35
CA GLY B 220 23.43 3.06 -9.91
C GLY B 220 22.87 4.26 -9.19
N VAL B 221 22.09 4.03 -8.15
CA VAL B 221 21.55 5.12 -7.34
C VAL B 221 22.01 5.01 -5.90
N SER B 222 22.14 6.16 -5.24
CA SER B 222 22.53 6.18 -3.83
C SER B 222 21.31 5.97 -2.95
N ILE B 223 21.54 5.59 -1.70
CA ILE B 223 20.46 5.27 -0.76
C ILE B 223 20.95 5.50 0.68
N PRO B 224 20.02 5.68 1.67
CA PRO B 224 20.36 5.81 3.11
C PRO B 224 21.03 4.56 3.72
N CYS B 225 22.03 4.76 4.56
CA CYS B 225 22.79 3.65 5.16
C CYS B 225 22.51 3.49 6.66
N VAL B 226 22.60 2.25 7.15
CA VAL B 226 22.42 1.90 8.56
C VAL B 226 23.69 2.27 9.36
N CYS B 227 24.80 2.44 8.64
CA CYS B 227 26.03 2.95 9.23
C CYS B 227 26.38 4.36 8.70
N GLY B 228 25.41 5.00 8.06
CA GLY B 228 25.50 6.41 7.68
C GLY B 228 26.51 6.78 6.60
N ARG B 229 26.93 5.81 5.80
CA ARG B 229 27.87 6.05 4.68
C ARG B 229 27.27 5.65 3.31
N ASP B 230 28.09 5.66 2.25
CA ASP B 230 27.56 5.56 0.88
C ASP B 230 27.28 4.13 0.41
N ALA B 231 26.00 3.83 0.23
CA ALA B 231 25.58 2.60 -0.43
C ALA B 231 25.04 2.90 -1.82
N THR B 232 25.37 2.02 -2.77
CA THR B 232 24.86 2.13 -4.13
C THR B 232 24.05 0.87 -4.51
N GLN B 233 23.02 1.08 -5.30
CA GLN B 233 22.07 0.05 -5.67
C GLN B 233 21.89 0.14 -7.18
N TYR B 234 22.03 -0.97 -7.90
CA TYR B 234 21.69 -0.99 -9.30
C TYR B 234 20.95 -2.24 -9.75
N LEU B 235 20.33 -2.09 -10.92
CA LEU B 235 19.49 -3.12 -11.48
C LEU B 235 20.33 -4.19 -12.17
N VAL B 236 20.14 -5.45 -11.74
CA VAL B 236 20.83 -6.60 -12.34
C VAL B 236 19.99 -7.27 -13.40
N GLN B 237 18.72 -7.44 -13.08
CA GLN B 237 17.78 -8.09 -13.97
C GLN B 237 16.37 -7.58 -13.73
N GLN B 238 15.62 -7.42 -14.81
CA GLN B 238 14.23 -6.99 -14.76
C GLN B 238 13.43 -7.83 -15.71
N GLU B 239 12.37 -8.45 -15.22
CA GLU B 239 11.40 -9.14 -16.07
C GLU B 239 9.99 -8.62 -15.81
N SER B 240 9.47 -7.85 -16.76
CA SER B 240 8.12 -7.30 -16.64
C SER B 240 7.82 -6.56 -17.93
N SER B 241 6.53 -6.23 -18.15
CA SER B 241 6.12 -5.55 -19.38
C SER B 241 6.28 -4.02 -19.34
N PHE B 242 6.54 -3.51 -18.13
CA PHE B 242 6.77 -2.07 -17.90
C PHE B 242 7.43 -1.90 -16.54
N VAL B 243 7.96 -0.70 -16.30
CA VAL B 243 8.33 -0.28 -14.95
C VAL B 243 7.76 1.11 -14.68
N MET B 244 7.54 1.41 -13.40
CA MET B 244 7.02 2.73 -12.99
C MET B 244 7.98 3.30 -11.98
N MET B 245 8.57 4.44 -12.35
CA MET B 245 9.56 5.12 -11.52
C MET B 245 8.90 6.40 -10.97
N SER B 246 8.85 6.51 -9.65
CA SER B 246 8.22 7.63 -8.96
C SER B 246 9.18 8.40 -8.04
N ALA B 247 8.88 9.68 -7.77
CA ALA B 247 9.64 10.48 -6.79
C ALA B 247 8.81 11.68 -6.44
N PRO B 248 9.06 12.30 -5.29
CA PRO B 248 8.41 13.58 -5.00
C PRO B 248 8.58 14.56 -6.18
N PRO B 249 7.52 15.29 -6.52
CA PRO B 249 7.62 16.09 -7.74
C PRO B 249 8.89 16.95 -7.78
N ALA B 250 9.58 16.94 -8.91
CA ALA B 250 10.75 17.76 -9.09
C ALA B 250 10.89 18.13 -10.57
N GLU B 251 11.57 19.23 -10.84
CA GLU B 251 11.75 19.75 -12.18
C GLU B 251 12.54 18.71 -12.95
N TYR B 252 12.07 18.33 -14.13
CA TYR B 252 12.63 17.16 -14.82
C TYR B 252 12.22 17.26 -16.27
N LYS B 253 13.10 16.84 -17.17
CA LYS B 253 12.87 16.97 -18.59
C LYS B 253 12.50 15.65 -19.21
N LEU B 254 11.35 15.62 -19.88
CA LEU B 254 10.93 14.45 -20.62
C LEU B 254 11.18 14.70 -22.09
N GLN B 255 11.78 13.71 -22.72
CA GLN B 255 12.21 13.76 -24.10
C GLN B 255 11.61 12.62 -24.89
N GLN B 256 11.36 12.86 -26.17
CA GLN B 256 10.79 11.85 -27.08
C GLN B 256 11.70 10.61 -27.20
N GLY B 257 11.07 9.44 -27.38
CA GLY B 257 11.72 8.15 -27.50
C GLY B 257 12.51 7.67 -26.30
N THR B 258 12.17 8.18 -25.10
CA THR B 258 12.85 7.75 -23.86
C THR B 258 11.91 7.29 -22.75
N PHE B 259 10.61 7.28 -22.97
CA PHE B 259 9.74 6.80 -21.92
C PHE B 259 8.45 6.48 -22.60
N LEU B 260 7.56 5.81 -21.91
CA LEU B 260 6.27 5.51 -22.44
C LEU B 260 5.26 6.64 -22.13
N CYS B 261 5.07 6.92 -20.85
CA CYS B 261 4.20 8.03 -20.45
C CYS B 261 4.58 8.43 -19.04
N ALA B 262 3.98 9.52 -18.55
CA ALA B 262 4.40 10.09 -17.28
C ALA B 262 3.27 10.99 -16.76
N ASN B 263 3.33 11.34 -15.47
CA ASN B 263 2.43 12.29 -14.86
C ASN B 263 3.28 13.41 -14.24
N GLU B 264 2.82 14.63 -14.38
CA GLU B 264 3.36 15.73 -13.57
C GLU B 264 2.29 16.22 -12.58
N TYR B 265 2.77 16.71 -11.46
CA TYR B 265 1.92 17.26 -10.42
C TYR B 265 2.40 18.65 -10.00
N THR B 266 1.57 19.64 -10.26
CA THR B 266 1.88 21.05 -10.00
C THR B 266 1.06 21.50 -8.79
N GLY B 267 1.72 21.96 -7.75
CA GLY B 267 1.05 22.49 -6.55
C GLY B 267 1.75 21.98 -5.31
N ASN B 268 1.06 21.99 -4.17
CA ASN B 268 1.65 21.41 -2.97
C ASN B 268 0.98 20.11 -2.59
N TYR B 269 1.52 19.47 -1.55
CA TYR B 269 1.03 18.20 -1.14
C TYR B 269 -0.50 18.20 -1.01
N GLN B 270 -1.07 19.22 -0.37
CA GLN B 270 -2.51 19.23 -0.13
C GLN B 270 -3.32 19.69 -1.33
N CYS B 271 -2.78 20.53 -2.18
CA CYS B 271 -3.59 21.14 -3.22
C CYS B 271 -2.77 21.27 -4.48
N GLY B 272 -3.19 20.61 -5.55
CA GLY B 272 -2.39 20.62 -6.76
C GLY B 272 -3.15 19.99 -7.87
N HIS B 273 -2.51 19.84 -9.02
CA HIS B 273 -3.19 19.36 -10.20
C HIS B 273 -2.24 18.47 -11.01
N TYR B 274 -2.74 17.30 -11.40
CA TYR B 274 -2.02 16.36 -12.26
C TYR B 274 -2.34 16.60 -13.70
N THR B 275 -1.34 16.47 -14.56
CA THR B 275 -1.62 16.21 -15.98
C THR B 275 -0.73 15.04 -16.44
N HIS B 276 -1.04 14.51 -17.61
CA HIS B 276 -0.43 13.28 -18.09
C HIS B 276 0.35 13.62 -19.36
N ILE B 277 1.55 13.04 -19.49
CA ILE B 277 2.35 13.24 -20.69
C ILE B 277 2.58 11.87 -21.35
N THR B 278 2.16 11.77 -22.60
CA THR B 278 2.34 10.53 -23.36
C THR B 278 3.14 10.83 -24.61
N ALA B 279 4.00 9.88 -24.98
CA ALA B 279 4.87 10.03 -26.14
C ALA B 279 4.25 9.36 -27.36
N LYS B 280 3.88 10.16 -28.37
CA LYS B 280 3.41 9.63 -29.66
C LYS B 280 4.40 10.06 -30.78
N GLU B 281 3.94 10.70 -31.85
CA GLU B 281 4.88 11.30 -32.81
C GLU B 281 5.55 12.56 -32.25
N THR B 282 4.94 13.15 -31.23
CA THR B 282 5.56 14.20 -30.44
C THR B 282 4.97 14.01 -29.04
N LEU B 283 5.39 14.79 -28.05
CA LEU B 283 4.79 14.63 -26.72
C LEU B 283 3.41 15.26 -26.69
N TYR B 284 2.46 14.51 -26.12
CA TYR B 284 1.08 14.94 -25.84
C TYR B 284 0.89 15.11 -24.32
N ARG B 285 0.58 16.35 -23.92
CA ARG B 285 0.24 16.65 -22.53
C ARG B 285 -1.29 16.74 -22.42
N ILE B 286 -1.87 15.69 -21.84
CA ILE B 286 -3.32 15.51 -21.79
C ILE B 286 -3.77 15.97 -20.43
N ASP B 287 -4.57 17.04 -20.45
CA ASP B 287 -5.10 17.66 -19.22
C ASP B 287 -6.64 17.51 -19.18
N GLY B 288 -7.11 16.34 -18.73
CA GLY B 288 -8.50 15.97 -18.87
C GLY B 288 -8.96 16.01 -20.31
N ALA B 289 -9.81 16.98 -20.64
CA ALA B 289 -10.30 17.11 -22.01
C ALA B 289 -9.31 17.86 -22.91
N HIS B 290 -8.36 18.57 -22.31
CA HIS B 290 -7.47 19.46 -23.07
C HIS B 290 -6.17 18.80 -23.51
N LEU B 291 -5.56 19.38 -24.54
CA LEU B 291 -4.36 18.83 -25.11
C LEU B 291 -3.41 19.92 -25.56
N THR B 292 -2.17 19.80 -25.08
CA THR B 292 -1.07 20.55 -25.64
C THR B 292 0.02 19.59 -26.23
N LYS B 293 0.66 20.00 -27.31
CA LYS B 293 1.71 19.20 -27.92
C LYS B 293 3.05 19.90 -27.83
N MET B 294 4.09 19.10 -27.67
CA MET B 294 5.44 19.64 -27.61
C MET B 294 6.53 18.58 -27.77
N SER B 295 7.71 19.04 -28.19
CA SER B 295 8.91 18.22 -28.46
C SER B 295 9.54 17.68 -27.19
N GLU B 296 9.47 18.49 -26.15
CA GLU B 296 9.98 18.09 -24.85
C GLU B 296 9.17 18.80 -23.78
N TYR B 297 9.15 18.23 -22.58
CA TYR B 297 8.40 18.80 -21.50
C TYR B 297 9.35 18.90 -20.34
N LYS B 298 9.42 20.09 -19.74
CA LYS B 298 10.10 20.27 -18.48
C LYS B 298 9.11 20.76 -17.40
N GLY B 299 9.06 20.09 -16.25
CA GLY B 299 8.07 20.40 -15.25
C GLY B 299 8.18 19.47 -14.08
N PRO B 300 7.21 19.54 -13.15
CA PRO B 300 7.32 18.83 -11.87
C PRO B 300 6.81 17.39 -12.00
N VAL B 301 7.61 16.61 -12.72
CA VAL B 301 7.30 15.21 -12.99
C VAL B 301 7.36 14.39 -11.69
N THR B 302 6.47 13.42 -11.54
CA THR B 302 6.42 12.62 -10.32
C THR B 302 6.30 11.11 -10.51
N ASP B 303 5.77 10.69 -11.66
CA ASP B 303 5.83 9.29 -12.11
C ASP B 303 6.22 9.23 -13.57
N VAL B 304 7.08 8.27 -13.86
CA VAL B 304 7.42 7.94 -15.26
C VAL B 304 7.32 6.44 -15.50
N PHE B 305 6.61 6.09 -16.56
CA PHE B 305 6.44 4.71 -17.03
C PHE B 305 7.34 4.43 -18.23
N TYR B 306 7.93 3.26 -18.19
CA TYR B 306 8.89 2.82 -19.21
C TYR B 306 8.50 1.42 -19.68
N LYS B 307 8.79 1.12 -20.94
CA LYS B 307 8.52 -0.19 -21.55
C LYS B 307 9.63 -1.15 -21.18
N GLU B 308 9.28 -2.40 -20.92
CA GLU B 308 10.26 -3.43 -20.58
C GLU B 308 9.81 -4.78 -21.15
N THR B 309 10.72 -5.75 -21.21
CA THR B 309 10.28 -7.16 -21.33
C THR B 309 11.26 -7.99 -20.50
N SER B 310 12.52 -7.94 -20.90
CA SER B 310 13.59 -8.61 -20.19
C SER B 310 14.86 -7.78 -20.28
N TYR B 311 15.44 -7.39 -19.16
CA TYR B 311 16.66 -6.62 -19.14
C TYR B 311 17.67 -7.38 -18.31
N THR B 312 18.90 -7.47 -18.80
CA THR B 312 20.02 -8.01 -18.04
C THR B 312 21.21 -7.03 -18.05
N THR B 313 21.82 -6.77 -16.88
CA THR B 313 22.83 -5.71 -16.80
C THR B 313 24.08 -6.19 -17.53
N THR B 314 24.98 -5.26 -17.90
CA THR B 314 26.31 -5.62 -18.42
C THR B 314 27.37 -5.31 -17.35
N ILE B 315 26.94 -4.69 -16.26
CA ILE B 315 27.80 -4.49 -15.09
C ILE B 315 28.28 -5.87 -14.59
N LYS B 316 29.58 -5.98 -14.39
CA LYS B 316 30.17 -7.28 -14.10
C LYS B 316 30.62 -7.32 -12.66
#